data_5VEO
#
_entry.id   5VEO
#
_cell.length_a   84.239
_cell.length_b   84.239
_cell.length_c   295.796
_cell.angle_alpha   90.00
_cell.angle_beta   90.00
_cell.angle_gamma   120.00
#
_symmetry.space_group_name_H-M   'P 65 2 2'
#
loop_
_entity.id
_entity.type
_entity.pdbx_description
1 polymer 'Ectonucleotide pyrophosphatase/phosphodiesterase family member 5'
2 branched alpha-D-mannopyranose-(1-3)-[alpha-D-mannopyranose-(1-6)]beta-D-mannopyranose-(1-4)-2-acetamido-2-deoxy-beta-D-glucopyranose-(1-4)-2-acetamido-2-deoxy-beta-D-glucopyranose
3 branched alpha-D-mannopyranose-(1-3)-beta-D-mannopyranose-(1-4)-2-acetamido-2-deoxy-beta-D-glucopyranose-(1-4)-[alpha-L-fucopyranose-(1-6)]2-acetamido-2-deoxy-beta-D-glucopyranose
4 non-polymer 'ZINC ION'
5 non-polymer 2-acetamido-2-deoxy-beta-D-glucopyranose
6 non-polymer 1,2-ETHANEDIOL
7 non-polymer 'TRIETHYLENE GLYCOL'
8 non-polymer DI(HYDROXYETHYL)ETHER
9 non-polymer 'ADENOSINE MONOPHOSPHATE'
10 water water
#
_entity_poly.entity_id   1
_entity_poly.type   'polypeptide(L)'
_entity_poly.pdbx_seq_one_letter_code
;DRHHHHHHKLPEEQKVLVVSFDGFRWDYLYKVPTPHFHYIMKNGVHVNQVTNVFITKAYPNHYTLVTGLFAENHGIVAND
MFDPILNKSFSLEHMDIYDSKFWEEATPIWITNQRAGHASGAAMWPGADVKIHDSFPTYYLPYNESVSFEDRVAKIIEWF
TAKDPINLGFLYWEEPDDTGHDVGPDSPLMGSVISDVDHKLGYLIKMLKRAKLWNNVNLIVTSDHGMTQCSKQRVIELDR
YLDKEHYTLIDHSPVAAILPKEGKFDEVYDALAGAHPNLTVYKKEEIPERWHYKHNDRVQPIVAVADEGWYILQNKSDDF
LLGNHGYDNALAEMHPIFLAHGPAFRKNFTKEAMNSTDLYSLLCHLLNLTALPHNGSFWNVQDLLSSATPKPIPYTQSTT
LLLGSDKPGEDEQEES
;
_entity_poly.pdbx_strand_id   A
#
# COMPACT_ATOMS: atom_id res chain seq x y z
N GLU A 13 -20.57 20.18 -1.62
CA GLU A 13 -19.39 19.64 -0.96
C GLU A 13 -19.21 18.15 -1.24
N GLN A 14 -18.27 17.78 -2.12
CA GLN A 14 -18.09 16.37 -2.42
C GLN A 14 -17.50 15.65 -1.21
N LYS A 15 -17.84 14.38 -1.12
CA LYS A 15 -17.35 13.49 -0.07
C LYS A 15 -16.67 12.31 -0.74
N VAL A 16 -15.71 11.72 -0.04
CA VAL A 16 -14.94 10.60 -0.59
C VAL A 16 -14.71 9.58 0.51
N LEU A 17 -14.93 8.30 0.17
CA LEU A 17 -14.56 7.16 1.00
C LEU A 17 -13.56 6.33 0.21
N VAL A 18 -12.33 6.20 0.72
CA VAL A 18 -11.30 5.36 0.12
C VAL A 18 -11.24 4.07 0.91
N VAL A 19 -11.40 2.95 0.21
CA VAL A 19 -11.35 1.63 0.80
C VAL A 19 -10.12 0.93 0.25
N SER A 20 -9.30 0.35 1.14
CA SER A 20 -8.19 -0.52 0.73
C SER A 20 -8.45 -1.92 1.25
N PHE A 21 -8.65 -2.86 0.33
CA PHE A 21 -8.61 -4.28 0.63
C PHE A 21 -7.17 -4.70 0.38
N ASP A 22 -6.44 -4.94 1.45
CA ASP A 22 -5.01 -5.12 1.33
C ASP A 22 -4.70 -6.32 0.40
N GLY A 23 -3.77 -6.12 -0.53
CA GLY A 23 -3.27 -7.21 -1.35
C GLY A 23 -4.24 -7.71 -2.40
N PHE A 24 -5.11 -6.84 -2.90
CA PHE A 24 -6.12 -7.23 -3.88
C PHE A 24 -5.52 -6.99 -5.26
N ARG A 25 -4.89 -8.03 -5.79
CA ARG A 25 -4.31 -7.98 -7.12
C ARG A 25 -5.39 -7.68 -8.16
N TRP A 26 -4.99 -6.93 -9.19
CA TRP A 26 -5.93 -6.37 -10.17
C TRP A 26 -6.80 -7.44 -10.85
N ASP A 27 -6.23 -8.62 -11.09
CA ASP A 27 -6.97 -9.67 -11.81
C ASP A 27 -7.73 -10.62 -10.89
N TYR A 28 -7.73 -10.38 -9.58
CA TYR A 28 -8.52 -11.22 -8.68
C TYR A 28 -10.01 -11.13 -8.99
N LEU A 29 -10.46 -10.02 -9.59
CA LEU A 29 -11.85 -9.82 -10.02
C LEU A 29 -12.35 -10.98 -10.85
N TYR A 30 -11.45 -11.69 -11.53
CA TYR A 30 -11.82 -12.70 -12.49
C TYR A 30 -11.60 -14.12 -11.99
N LYS A 31 -11.12 -14.30 -10.75
CA LYS A 31 -10.84 -15.63 -10.22
C LYS A 31 -12.13 -16.36 -9.81
N VAL A 32 -13.15 -15.61 -9.39
CA VAL A 32 -14.44 -16.12 -8.95
C VAL A 32 -15.46 -15.08 -9.34
N PRO A 33 -16.76 -15.41 -9.33
CA PRO A 33 -17.78 -14.37 -9.48
C PRO A 33 -17.58 -13.27 -8.44
N THR A 34 -17.57 -12.03 -8.91
CA THR A 34 -17.42 -10.86 -8.05
C THR A 34 -18.55 -9.89 -8.39
N PRO A 35 -19.79 -10.26 -8.06
CA PRO A 35 -20.94 -9.43 -8.46
C PRO A 35 -20.93 -8.04 -7.87
N HIS A 36 -20.40 -7.85 -6.66
CA HIS A 36 -20.45 -6.51 -6.09
C HIS A 36 -19.37 -5.62 -6.68
N PHE A 37 -18.17 -6.15 -6.94
CA PHE A 37 -17.21 -5.39 -7.73
C PHE A 37 -17.77 -5.05 -9.10
N HIS A 38 -18.44 -6.01 -9.74
CA HIS A 38 -18.98 -5.77 -11.08
C HIS A 38 -20.14 -4.77 -11.05
N TYR A 39 -20.88 -4.71 -9.94
CA TYR A 39 -21.92 -3.70 -9.80
C TYR A 39 -21.32 -2.28 -9.78
N ILE A 40 -20.21 -2.10 -9.05
CA ILE A 40 -19.54 -0.81 -9.07
C ILE A 40 -19.01 -0.50 -10.47
N MET A 41 -18.39 -1.49 -11.13
CA MET A 41 -17.88 -1.29 -12.48
C MET A 41 -18.99 -0.80 -13.42
N LYS A 42 -20.12 -1.49 -13.42
CA LYS A 42 -21.22 -1.16 -14.34
C LYS A 42 -21.76 0.25 -14.08
N ASN A 43 -21.62 0.71 -12.85
CA ASN A 43 -22.17 1.99 -12.44
C ASN A 43 -21.08 3.01 -12.15
N GLY A 44 -19.86 2.75 -12.60
CA GLY A 44 -18.71 3.53 -12.17
C GLY A 44 -17.53 3.39 -13.10
N VAL A 45 -16.32 3.51 -12.53
CA VAL A 45 -15.09 3.52 -13.29
C VAL A 45 -14.20 2.39 -12.81
N HIS A 46 -13.30 1.96 -13.71
CA HIS A 46 -12.40 0.84 -13.47
C HIS A 46 -11.12 1.12 -14.23
N VAL A 47 -9.97 0.98 -13.57
CA VAL A 47 -8.67 1.16 -14.21
C VAL A 47 -7.97 -0.19 -14.25
N ASN A 48 -7.59 -0.66 -15.44
CA ASN A 48 -7.00 -1.99 -15.56
C ASN A 48 -5.65 -2.11 -14.83
N GLN A 49 -4.73 -1.17 -15.11
CA GLN A 49 -3.32 -1.30 -14.69
C GLN A 49 -2.90 -0.06 -13.92
N VAL A 50 -2.83 -0.23 -12.61
CA VAL A 50 -2.38 0.78 -11.66
C VAL A 50 -0.94 0.50 -11.33
N THR A 51 -0.05 1.39 -11.74
CA THR A 51 1.33 1.27 -11.33
C THR A 51 1.46 1.88 -9.95
N ASN A 52 1.72 1.03 -8.96
CA ASN A 52 1.90 1.45 -7.58
C ASN A 52 3.38 1.79 -7.38
N VAL A 53 3.85 1.87 -6.14
CA VAL A 53 5.21 2.33 -5.91
C VAL A 53 6.08 1.23 -5.31
N PHE A 54 7.37 1.35 -5.59
CA PHE A 54 8.40 0.49 -5.03
C PHE A 54 8.82 1.00 -3.67
N ILE A 55 9.03 0.12 -2.67
CA ILE A 55 8.73 -1.31 -2.71
C ILE A 55 7.24 -1.54 -2.55
N THR A 56 6.76 -2.65 -3.12
CA THR A 56 5.32 -2.88 -3.24
C THR A 56 4.78 -3.60 -2.01
N LYS A 57 4.92 -2.89 -0.87
CA LYS A 57 4.43 -3.30 0.44
C LYS A 57 3.42 -2.28 0.99
N ALA A 58 2.76 -2.63 2.09
CA ALA A 58 1.65 -1.82 2.61
C ALA A 58 2.05 -0.41 3.00
N TYR A 59 3.09 -0.24 3.80
CA TYR A 59 3.25 1.08 4.40
C TYR A 59 3.72 2.09 3.36
N PRO A 60 4.67 1.76 2.48
CA PRO A 60 4.99 2.73 1.41
C PRO A 60 3.79 3.05 0.52
N ASN A 61 3.00 2.03 0.16
CA ASN A 61 1.95 2.28 -0.82
C ASN A 61 0.74 2.99 -0.24
N HIS A 62 0.36 2.70 1.00
CA HIS A 62 -0.75 3.45 1.58
C HIS A 62 -0.35 4.90 1.82
N TYR A 63 0.91 5.16 2.21
CA TYR A 63 1.28 6.56 2.42
C TYR A 63 1.37 7.31 1.09
N THR A 64 1.76 6.62 0.01
CA THR A 64 1.68 7.24 -1.31
C THR A 64 0.26 7.65 -1.65
N LEU A 65 -0.72 6.82 -1.31
CA LEU A 65 -2.09 7.15 -1.68
C LEU A 65 -2.55 8.44 -1.02
N VAL A 66 -2.03 8.76 0.16
CA VAL A 66 -2.51 9.93 0.91
C VAL A 66 -1.50 11.09 0.87
N THR A 67 -0.44 10.99 0.06
CA THR A 67 0.52 12.07 -0.15
C THR A 67 0.81 12.38 -1.61
N GLY A 68 0.59 11.43 -2.53
CA GLY A 68 0.94 11.62 -3.93
C GLY A 68 2.42 11.56 -4.20
N LEU A 69 3.20 11.07 -3.24
CA LEU A 69 4.65 11.08 -3.32
C LEU A 69 5.23 9.69 -3.50
N PHE A 70 6.35 9.61 -4.18
CA PHE A 70 7.18 8.41 -4.17
C PHE A 70 7.81 8.21 -2.80
N ALA A 71 8.23 6.96 -2.54
CA ALA A 71 8.70 6.60 -1.20
C ALA A 71 9.96 7.36 -0.79
N GLU A 72 10.87 7.66 -1.74
CA GLU A 72 12.05 8.38 -1.34
C GLU A 72 11.72 9.78 -0.81
N ASN A 73 10.56 10.33 -1.21
CA ASN A 73 10.10 11.64 -0.77
C ASN A 73 9.26 11.57 0.50
N HIS A 74 8.31 10.63 0.61
CA HIS A 74 7.52 10.67 1.84
C HIS A 74 8.17 9.93 3.00
N GLY A 75 9.22 9.14 2.76
CA GLY A 75 10.07 8.61 3.80
C GLY A 75 9.63 7.29 4.42
N ILE A 76 8.46 6.78 4.05
CA ILE A 76 8.02 5.45 4.51
C ILE A 76 8.46 4.48 3.42
N VAL A 77 9.74 4.09 3.47
CA VAL A 77 10.33 3.35 2.36
C VAL A 77 10.11 1.84 2.47
N ALA A 78 9.67 1.34 3.61
CA ALA A 78 9.46 -0.08 3.82
C ALA A 78 8.60 -0.27 5.06
N ASN A 79 8.15 -1.51 5.27
CA ASN A 79 7.46 -1.86 6.51
C ASN A 79 8.44 -2.02 7.66
N ASP A 80 9.71 -2.26 7.35
CA ASP A 80 10.79 -2.38 8.33
C ASP A 80 11.92 -1.48 7.85
N MET A 81 12.30 -0.52 8.70
CA MET A 81 13.27 0.50 8.33
C MET A 81 14.23 0.75 9.48
N PHE A 82 15.36 1.33 9.13
CA PHE A 82 16.30 1.87 10.09
C PHE A 82 16.72 3.23 9.60
N ASP A 83 16.54 4.24 10.45
CA ASP A 83 16.96 5.59 10.12
C ASP A 83 18.28 5.87 10.85
N PRO A 84 19.39 6.03 10.13
CA PRO A 84 20.69 6.14 10.77
C PRO A 84 20.93 7.49 11.40
N ILE A 85 20.16 8.51 11.01
CA ILE A 85 20.26 9.82 11.63
C ILE A 85 19.53 9.86 12.96
N LEU A 86 18.32 9.30 13.00
CA LEU A 86 17.58 9.14 14.24
C LEU A 86 18.16 8.05 15.13
N ASN A 87 18.93 7.13 14.54
CA ASN A 87 19.29 5.86 15.18
C ASN A 87 18.05 5.18 15.78
N LYS A 88 17.04 4.99 14.94
CA LYS A 88 15.79 4.38 15.35
C LYS A 88 15.31 3.42 14.27
N SER A 89 14.73 2.32 14.72
CA SER A 89 14.05 1.36 13.88
C SER A 89 12.54 1.60 13.84
N PHE A 90 11.93 1.12 12.76
CA PHE A 90 10.50 1.11 12.51
C PHE A 90 10.18 -0.30 12.05
N SER A 91 9.17 -0.94 12.66
CA SER A 91 8.88 -2.32 12.33
C SER A 91 7.40 -2.61 12.45
N LEU A 92 6.79 -2.93 11.32
CA LEU A 92 5.38 -3.25 11.29
C LEU A 92 5.09 -4.50 12.11
N GLU A 93 5.95 -5.52 12.00
CA GLU A 93 5.69 -6.80 12.65
C GLU A 93 5.67 -6.67 14.17
N HIS A 94 6.39 -5.68 14.73
CA HIS A 94 6.38 -5.41 16.16
C HIS A 94 5.39 -4.32 16.55
N MET A 95 4.55 -3.88 15.62
CA MET A 95 3.65 -2.76 15.86
C MET A 95 4.41 -1.49 16.24
N ASP A 96 5.65 -1.38 15.77
CA ASP A 96 6.57 -0.31 16.15
C ASP A 96 6.62 0.74 15.04
N ILE A 97 5.47 1.41 14.84
CA ILE A 97 5.26 2.35 13.77
C ILE A 97 4.87 3.74 14.26
N TYR A 98 4.87 3.96 15.58
CA TYR A 98 4.23 5.15 16.14
C TYR A 98 5.21 6.29 16.41
N ASP A 99 6.48 6.13 16.03
CA ASP A 99 7.43 7.25 16.14
C ASP A 99 7.14 8.25 15.03
N SER A 100 6.57 9.39 15.43
CA SER A 100 6.11 10.40 14.48
C SER A 100 7.17 10.80 13.46
N LYS A 101 8.44 10.78 13.85
CA LYS A 101 9.50 11.24 12.94
C LYS A 101 9.61 10.37 11.70
N PHE A 102 9.16 9.12 11.75
CA PHE A 102 9.18 8.31 10.52
C PHE A 102 8.20 8.78 9.48
N TRP A 103 7.18 9.57 9.87
CA TRP A 103 6.09 10.00 9.01
C TRP A 103 6.21 11.44 8.55
N GLU A 104 7.02 12.25 9.21
CA GLU A 104 6.91 13.69 9.08
C GLU A 104 7.73 14.28 7.93
N GLU A 105 8.29 13.45 7.04
CA GLU A 105 8.83 14.01 5.80
C GLU A 105 7.75 14.37 4.81
N ALA A 106 6.50 14.01 5.10
CA ALA A 106 5.36 14.38 4.27
C ALA A 106 4.18 14.71 5.19
N THR A 107 3.09 15.11 4.56
CA THR A 107 1.85 15.45 5.27
C THR A 107 0.70 14.71 4.62
N PRO A 108 0.04 13.76 5.31
CA PRO A 108 -1.06 13.03 4.69
C PRO A 108 -2.29 13.92 4.51
N ILE A 109 -3.12 13.52 3.55
CA ILE A 109 -4.22 14.36 3.10
C ILE A 109 -5.23 14.67 4.22
N TRP A 110 -5.38 13.81 5.22
CA TRP A 110 -6.36 14.15 6.26
C TRP A 110 -5.97 15.42 7.02
N ILE A 111 -4.67 15.68 7.17
CA ILE A 111 -4.24 16.91 7.83
C ILE A 111 -4.57 18.11 6.95
N THR A 112 -4.28 18.03 5.65
CA THR A 112 -4.61 19.12 4.74
C THR A 112 -6.11 19.38 4.71
N ASN A 113 -6.90 18.31 4.68
CA ASN A 113 -8.35 18.42 4.72
C ASN A 113 -8.82 19.15 5.97
N GLN A 114 -8.23 18.82 7.12
CA GLN A 114 -8.64 19.42 8.39
C GLN A 114 -8.15 20.85 8.51
N ARG A 115 -6.99 21.17 7.95
CA ARG A 115 -6.55 22.57 7.92
C ARG A 115 -7.47 23.43 7.07
N ALA A 116 -8.19 22.84 6.12
CA ALA A 116 -9.18 23.54 5.32
C ALA A 116 -10.55 23.61 5.99
N GLY A 117 -10.68 23.10 7.22
CA GLY A 117 -11.90 23.19 7.97
C GLY A 117 -12.82 21.99 7.91
N HIS A 118 -12.39 20.89 7.29
CA HIS A 118 -13.19 19.69 7.18
C HIS A 118 -12.77 18.67 8.24
N ALA A 119 -13.51 17.58 8.31
CA ALA A 119 -13.24 16.49 9.25
C ALA A 119 -12.95 15.22 8.45
N SER A 120 -11.97 14.45 8.90
CA SER A 120 -11.61 13.17 8.28
C SER A 120 -11.85 12.04 9.26
N GLY A 121 -12.09 10.84 8.74
CA GLY A 121 -12.25 9.66 9.57
C GLY A 121 -11.48 8.48 9.02
N ALA A 122 -10.92 7.66 9.89
CA ALA A 122 -10.12 6.53 9.46
C ALA A 122 -10.41 5.32 10.34
N ALA A 123 -10.69 4.21 9.68
CA ALA A 123 -11.00 2.94 10.33
C ALA A 123 -9.93 1.93 9.90
N MET A 124 -8.82 1.95 10.62
CA MET A 124 -7.67 1.02 10.57
C MET A 124 -6.72 1.28 9.40
N TRP A 125 -6.83 2.43 8.75
CA TRP A 125 -5.93 2.78 7.66
C TRP A 125 -4.49 2.95 8.17
N PRO A 126 -3.50 2.38 7.50
CA PRO A 126 -2.10 2.51 7.94
C PRO A 126 -1.67 3.95 8.22
N GLY A 127 -1.12 4.17 9.42
CA GLY A 127 -0.65 5.48 9.84
C GLY A 127 -1.71 6.41 10.37
N ALA A 128 -3.00 6.08 10.22
CA ALA A 128 -4.05 7.01 10.65
C ALA A 128 -4.14 7.13 12.17
N ASP A 129 -3.60 6.17 12.92
CA ASP A 129 -3.58 6.26 14.38
C ASP A 129 -2.22 6.71 14.89
N VAL A 130 -1.43 7.35 14.04
CA VAL A 130 -0.12 7.88 14.38
C VAL A 130 -0.21 9.39 14.46
N LYS A 131 0.44 9.98 15.45
CA LYS A 131 0.47 11.43 15.53
C LYS A 131 1.46 11.96 14.51
N ILE A 132 1.00 12.79 13.59
CA ILE A 132 1.84 13.29 12.50
C ILE A 132 1.68 14.81 12.47
N HIS A 133 2.80 15.52 12.59
CA HIS A 133 2.77 16.97 12.73
C HIS A 133 1.76 17.40 13.81
N ASP A 134 1.79 16.69 14.93
CA ASP A 134 0.93 16.94 16.08
C ASP A 134 -0.56 16.75 15.80
N SER A 135 -0.91 15.97 14.77
CA SER A 135 -2.31 15.87 14.35
C SER A 135 -2.67 14.42 14.08
N PHE A 136 -3.94 14.12 14.28
CA PHE A 136 -4.60 12.88 13.92
C PHE A 136 -5.75 13.21 12.98
N PRO A 137 -6.29 12.21 12.28
CA PRO A 137 -7.63 12.38 11.70
C PRO A 137 -8.62 12.80 12.79
N THR A 138 -9.62 13.59 12.39
CA THR A 138 -10.65 14.03 13.34
C THR A 138 -11.21 12.87 14.13
N TYR A 139 -11.51 11.77 13.44
CA TYR A 139 -11.96 10.52 14.03
C TYR A 139 -11.07 9.39 13.56
N TYR A 140 -10.66 8.51 14.47
CA TYR A 140 -9.88 7.35 14.06
C TYR A 140 -10.02 6.24 15.10
N LEU A 141 -9.71 5.05 14.67
CA LEU A 141 -9.66 3.88 15.54
C LEU A 141 -8.21 3.49 15.82
N PRO A 142 -7.82 3.24 17.07
CA PRO A 142 -6.53 2.57 17.31
C PRO A 142 -6.46 1.27 16.54
N TYR A 143 -5.33 1.02 15.88
CA TYR A 143 -5.26 -0.15 15.01
C TYR A 143 -5.50 -1.43 15.81
N ASN A 144 -6.41 -2.26 15.30
CA ASN A 144 -6.70 -3.53 15.95
C ASN A 144 -7.26 -4.45 14.87
N GLU A 145 -6.46 -5.42 14.46
CA GLU A 145 -6.83 -6.32 13.37
C GLU A 145 -8.05 -7.17 13.70
N SER A 146 -8.36 -7.34 15.00
CA SER A 146 -9.49 -8.16 15.43
C SER A 146 -10.83 -7.49 15.25
N VAL A 147 -10.87 -6.19 14.98
CA VAL A 147 -12.15 -5.50 14.80
C VAL A 147 -12.73 -5.93 13.46
N SER A 148 -13.98 -6.36 13.50
CA SER A 148 -14.64 -6.91 12.33
C SER A 148 -14.78 -5.85 11.24
N PHE A 149 -14.87 -6.34 10.00
CA PHE A 149 -15.15 -5.44 8.89
C PHE A 149 -16.44 -4.66 9.12
N GLU A 150 -17.46 -5.35 9.62
CA GLU A 150 -18.76 -4.72 9.83
C GLU A 150 -18.67 -3.61 10.87
N ASP A 151 -17.84 -3.79 11.89
CA ASP A 151 -17.67 -2.72 12.88
C ASP A 151 -16.90 -1.54 12.30
N ARG A 152 -15.92 -1.83 11.43
CA ARG A 152 -15.21 -0.73 10.76
C ARG A 152 -16.15 0.05 9.87
N VAL A 153 -16.99 -0.64 9.11
CA VAL A 153 -17.99 0.02 8.27
C VAL A 153 -18.92 0.86 9.14
N ALA A 154 -19.37 0.31 10.25
CA ALA A 154 -20.31 1.03 11.11
C ALA A 154 -19.74 2.36 11.55
N LYS A 155 -18.47 2.38 11.94
CA LYS A 155 -17.85 3.64 12.36
C LYS A 155 -17.79 4.63 11.20
N ILE A 156 -17.37 4.15 10.02
CA ILE A 156 -17.30 5.03 8.85
C ILE A 156 -18.67 5.67 8.59
N ILE A 157 -19.74 4.86 8.61
CA ILE A 157 -21.07 5.37 8.30
C ILE A 157 -21.50 6.36 9.38
N GLU A 158 -21.21 6.04 10.63
CA GLU A 158 -21.49 6.97 11.75
C GLU A 158 -20.79 8.29 11.53
N TRP A 159 -19.52 8.26 11.12
CA TRP A 159 -18.78 9.50 10.95
C TRP A 159 -19.30 10.34 9.78
N PHE A 160 -19.72 9.69 8.68
CA PHE A 160 -20.25 10.44 7.54
C PHE A 160 -21.60 11.10 7.88
N THR A 161 -22.27 10.62 8.93
CA THR A 161 -23.60 11.12 9.29
C THR A 161 -23.62 11.73 10.69
N ALA A 162 -22.45 12.02 11.24
CA ALA A 162 -22.33 12.54 12.60
C ALA A 162 -22.84 13.98 12.68
N LYS A 163 -23.07 14.41 13.92
CA LYS A 163 -23.37 15.81 14.16
C LYS A 163 -22.31 16.70 13.53
N ASP A 164 -21.04 16.30 13.61
CA ASP A 164 -19.92 16.98 12.95
CA ASP A 164 -19.93 16.98 12.95
C ASP A 164 -19.36 15.97 11.95
N PRO A 165 -19.90 15.92 10.74
CA PRO A 165 -19.59 14.79 9.86
C PRO A 165 -18.33 14.98 9.04
N ILE A 166 -17.77 13.83 8.64
CA ILE A 166 -16.58 13.82 7.80
C ILE A 166 -16.97 13.99 6.34
N ASN A 167 -16.06 14.58 5.59
CA ASN A 167 -16.15 14.55 4.13
C ASN A 167 -15.22 13.53 3.52
N LEU A 168 -14.30 12.97 4.31
CA LEU A 168 -13.22 12.13 3.79
C LEU A 168 -13.03 10.97 4.77
N GLY A 169 -13.26 9.76 4.28
CA GLY A 169 -13.10 8.56 5.09
C GLY A 169 -12.12 7.58 4.47
N PHE A 170 -11.46 6.82 5.33
CA PHE A 170 -10.51 5.77 4.95
C PHE A 170 -10.89 4.50 5.67
N LEU A 171 -11.04 3.40 4.93
CA LEU A 171 -11.43 2.10 5.46
C LEU A 171 -10.44 1.07 4.96
N TYR A 172 -9.93 0.26 5.88
CA TYR A 172 -8.88 -0.72 5.57
C TYR A 172 -9.31 -2.09 6.06
N TRP A 173 -8.99 -3.11 5.26
CA TRP A 173 -9.22 -4.51 5.59
C TRP A 173 -7.99 -5.33 5.17
N GLU A 174 -7.64 -6.34 5.97
CA GLU A 174 -6.37 -7.07 5.81
C GLU A 174 -6.42 -8.20 4.79
N GLU A 175 -7.62 -8.54 4.30
CA GLU A 175 -7.75 -9.52 3.22
C GLU A 175 -7.98 -8.82 1.89
N PRO A 176 -7.52 -9.44 0.78
CA PRO A 176 -7.02 -10.81 0.67
C PRO A 176 -5.49 -11.01 0.85
N ASP A 177 -4.80 -9.99 1.37
CA ASP A 177 -3.36 -10.10 1.62
C ASP A 177 -3.02 -11.28 2.55
N ASP A 178 -3.71 -11.37 3.68
CA ASP A 178 -3.37 -12.37 4.70
C ASP A 178 -3.43 -13.78 4.12
N THR A 179 -4.56 -14.13 3.52
CA THR A 179 -4.69 -15.47 2.95
C THR A 179 -3.78 -15.65 1.74
N GLY A 180 -3.62 -14.61 0.92
CA GLY A 180 -2.69 -14.68 -0.21
C GLY A 180 -1.29 -15.10 0.22
N HIS A 181 -0.81 -14.54 1.33
CA HIS A 181 0.48 -14.97 1.85
C HIS A 181 0.47 -16.44 2.22
N ASP A 182 -0.59 -16.88 2.90
CA ASP A 182 -0.61 -18.22 3.48
C ASP A 182 -0.68 -19.30 2.41
N VAL A 183 -1.54 -19.12 1.41
CA VAL A 183 -1.78 -20.18 0.42
C VAL A 183 -1.15 -19.90 -0.92
N GLY A 184 -0.79 -18.65 -1.23
CA GLY A 184 -0.31 -18.30 -2.54
C GLY A 184 -1.44 -17.92 -3.47
N PRO A 185 -1.22 -16.92 -4.34
CA PRO A 185 -2.32 -16.45 -5.20
C PRO A 185 -2.79 -17.48 -6.23
N ASP A 186 -1.97 -18.50 -6.51
CA ASP A 186 -2.36 -19.54 -7.47
C ASP A 186 -3.17 -20.65 -6.81
N SER A 187 -3.31 -20.60 -5.51
CA SER A 187 -4.04 -21.65 -4.80
C SER A 187 -5.52 -21.59 -5.14
N PRO A 188 -6.16 -22.73 -5.33
CA PRO A 188 -7.62 -22.73 -5.47
C PRO A 188 -8.32 -22.23 -4.22
N LEU A 189 -7.63 -22.20 -3.08
CA LEU A 189 -8.22 -21.63 -1.87
C LEU A 189 -8.41 -20.11 -1.96
N MET A 190 -7.80 -19.43 -2.93
CA MET A 190 -7.96 -17.98 -3.04
C MET A 190 -9.38 -17.60 -3.40
N GLY A 191 -10.07 -18.44 -4.16
CA GLY A 191 -11.42 -18.11 -4.56
C GLY A 191 -12.30 -17.78 -3.37
N SER A 192 -12.14 -18.53 -2.28
CA SER A 192 -12.95 -18.33 -1.09
C SER A 192 -12.76 -16.94 -0.49
N VAL A 193 -11.52 -16.47 -0.40
CA VAL A 193 -11.29 -15.18 0.24
C VAL A 193 -11.70 -14.06 -0.69
N ILE A 194 -11.47 -14.20 -2.00
CA ILE A 194 -11.94 -13.18 -2.94
C ILE A 194 -13.46 -13.08 -2.90
N SER A 195 -14.15 -14.22 -2.89
CA SER A 195 -15.61 -14.19 -2.79
CA SER A 195 -15.61 -14.20 -2.79
C SER A 195 -16.06 -13.50 -1.52
N ASP A 196 -15.34 -13.74 -0.41
CA ASP A 196 -15.71 -13.10 0.84
C ASP A 196 -15.49 -11.60 0.79
N VAL A 197 -14.38 -11.15 0.19
CA VAL A 197 -14.14 -9.72 0.05
C VAL A 197 -15.22 -9.09 -0.81
N ASP A 198 -15.64 -9.76 -1.89
CA ASP A 198 -16.75 -9.27 -2.69
C ASP A 198 -18.01 -9.13 -1.84
N HIS A 199 -18.28 -10.15 -1.01
CA HIS A 199 -19.43 -10.09 -0.11
C HIS A 199 -19.32 -8.90 0.84
N LYS A 200 -18.13 -8.65 1.39
CA LYS A 200 -17.93 -7.51 2.29
C LYS A 200 -18.14 -6.18 1.56
N LEU A 201 -17.67 -6.08 0.32
CA LEU A 201 -17.96 -4.91 -0.47
C LEU A 201 -19.47 -4.72 -0.63
N GLY A 202 -20.18 -5.82 -0.87
CA GLY A 202 -21.63 -5.75 -0.94
C GLY A 202 -22.27 -5.25 0.34
N TYR A 203 -21.74 -5.68 1.48
CA TYR A 203 -22.20 -5.18 2.77
C TYR A 203 -22.00 -3.67 2.88
N LEU A 204 -20.84 -3.18 2.49
CA LEU A 204 -20.57 -1.74 2.50
C LEU A 204 -21.55 -1.00 1.61
N ILE A 205 -21.77 -1.50 0.40
CA ILE A 205 -22.71 -0.87 -0.51
C ILE A 205 -24.08 -0.78 0.14
N LYS A 206 -24.54 -1.91 0.69
CA LYS A 206 -25.86 -1.94 1.34
C LYS A 206 -25.95 -0.91 2.46
N MET A 207 -24.90 -0.79 3.27
CA MET A 207 -24.93 0.16 4.37
C MET A 207 -24.87 1.60 3.90
N LEU A 208 -24.13 1.88 2.83
CA LEU A 208 -24.12 3.21 2.25
C LEU A 208 -25.50 3.57 1.73
N LYS A 209 -26.20 2.60 1.12
CA LYS A 209 -27.54 2.88 0.62
C LYS A 209 -28.51 3.12 1.77
N ARG A 210 -28.44 2.27 2.81
CA ARG A 210 -29.34 2.42 3.96
C ARG A 210 -29.18 3.77 4.64
N ALA A 211 -27.96 4.30 4.65
CA ALA A 211 -27.66 5.60 5.26
C ALA A 211 -27.86 6.77 4.31
N LYS A 212 -28.39 6.55 3.10
CA LYS A 212 -28.63 7.61 2.13
C LYS A 212 -27.34 8.32 1.76
N LEU A 213 -26.24 7.56 1.68
CA LEU A 213 -24.95 8.07 1.26
C LEU A 213 -24.50 7.56 -0.09
N TRP A 214 -25.14 6.51 -0.62
CA TRP A 214 -24.64 5.84 -1.82
C TRP A 214 -24.50 6.81 -2.99
N ASN A 215 -25.47 7.69 -3.19
CA ASN A 215 -25.35 8.58 -4.33
C ASN A 215 -24.79 9.97 -3.99
N ASN A 216 -24.21 10.17 -2.80
CA ASN A 216 -23.50 11.42 -2.54
C ASN A 216 -22.13 11.24 -1.91
N VAL A 217 -21.63 10.01 -1.83
CA VAL A 217 -20.25 9.75 -1.45
C VAL A 217 -19.56 9.17 -2.67
N ASN A 218 -18.38 9.66 -2.99
CA ASN A 218 -17.55 9.05 -4.03
C ASN A 218 -16.77 7.92 -3.36
N LEU A 219 -17.13 6.67 -3.69
CA LEU A 219 -16.50 5.48 -3.14
C LEU A 219 -15.37 5.04 -4.06
N ILE A 220 -14.16 4.96 -3.54
CA ILE A 220 -12.99 4.55 -4.30
C ILE A 220 -12.50 3.28 -3.63
N VAL A 221 -12.44 2.19 -4.40
CA VAL A 221 -12.05 0.88 -3.88
C VAL A 221 -10.72 0.52 -4.54
N THR A 222 -9.67 0.36 -3.75
CA THR A 222 -8.37 0.07 -4.32
C THR A 222 -7.58 -0.81 -3.34
N SER A 223 -6.28 -0.84 -3.52
CA SER A 223 -5.40 -1.67 -2.71
C SER A 223 -3.99 -1.11 -2.81
N ASP A 224 -3.10 -1.70 -2.03
CA ASP A 224 -1.71 -1.30 -1.99
C ASP A 224 -0.83 -2.02 -3.00
N HIS A 225 -1.18 -3.25 -3.38
CA HIS A 225 -0.35 -4.10 -4.25
C HIS A 225 -1.08 -5.40 -4.51
N GLY A 226 -0.46 -6.25 -5.32
CA GLY A 226 -0.94 -7.57 -5.62
C GLY A 226 -0.19 -8.64 -4.85
N MET A 227 0.09 -9.75 -5.53
CA MET A 227 0.67 -10.91 -4.87
C MET A 227 1.20 -11.86 -5.93
N THR A 228 2.32 -12.52 -5.64
CA THR A 228 2.86 -13.50 -6.56
CA THR A 228 2.89 -13.50 -6.55
C THR A 228 3.20 -14.79 -5.81
N GLN A 229 3.20 -15.88 -6.57
CA GLN A 229 3.43 -17.21 -6.01
C GLN A 229 4.90 -17.45 -5.76
N CYS A 230 5.19 -17.93 -4.57
CA CYS A 230 6.54 -18.32 -4.16
C CYS A 230 6.62 -19.84 -4.02
N SER A 231 7.84 -20.32 -3.84
CA SER A 231 8.12 -21.75 -3.84
C SER A 231 9.40 -22.04 -3.05
N LYS A 232 9.40 -23.17 -2.33
CA LYS A 232 10.62 -23.61 -1.69
C LYS A 232 11.70 -24.00 -2.70
N GLN A 233 11.34 -24.19 -3.97
CA GLN A 233 12.30 -24.38 -5.04
C GLN A 233 12.87 -23.07 -5.58
N ARG A 234 12.42 -21.93 -5.08
CA ARG A 234 12.87 -20.61 -5.52
C ARG A 234 13.31 -19.79 -4.30
N VAL A 235 14.40 -20.22 -3.67
CA VAL A 235 14.92 -19.59 -2.46
C VAL A 235 16.37 -19.19 -2.69
N ILE A 236 16.70 -17.96 -2.28
CA ILE A 236 18.07 -17.47 -2.20
C ILE A 236 18.41 -17.41 -0.72
N GLU A 237 19.42 -18.16 -0.30
CA GLU A 237 19.78 -18.27 1.11
C GLU A 237 21.06 -17.47 1.36
N LEU A 238 20.94 -16.37 2.10
CA LEU A 238 22.05 -15.42 2.19
C LEU A 238 23.26 -16.04 2.86
N ASP A 239 23.05 -16.93 3.83
CA ASP A 239 24.21 -17.45 4.54
C ASP A 239 25.00 -18.46 3.72
N ARG A 240 24.56 -18.76 2.49
CA ARG A 240 25.42 -19.46 1.55
C ARG A 240 26.52 -18.55 1.00
N TYR A 241 26.35 -17.23 1.12
CA TYR A 241 27.26 -16.24 0.54
C TYR A 241 27.90 -15.32 1.56
N LEU A 242 27.17 -14.98 2.63
CA LEU A 242 27.54 -13.91 3.54
C LEU A 242 27.69 -14.45 4.94
N ASP A 243 28.66 -13.90 5.66
CA ASP A 243 28.83 -14.13 7.09
C ASP A 243 27.83 -13.26 7.84
N LYS A 244 26.88 -13.89 8.55
CA LYS A 244 25.82 -13.17 9.23
C LYS A 244 26.35 -12.17 10.26
N GLU A 245 27.56 -12.35 10.76
CA GLU A 245 28.12 -11.41 11.73
C GLU A 245 28.56 -10.10 11.10
N HIS A 246 28.61 -10.02 9.78
CA HIS A 246 29.22 -8.87 9.12
C HIS A 246 28.22 -7.92 8.50
N TYR A 247 26.92 -8.13 8.74
CA TYR A 247 25.91 -7.18 8.27
C TYR A 247 24.67 -7.30 9.13
N THR A 248 23.81 -6.29 9.03
CA THR A 248 22.48 -6.33 9.64
C THR A 248 21.45 -6.32 8.52
N LEU A 249 20.49 -7.24 8.62
CA LEU A 249 19.41 -7.33 7.65
C LEU A 249 18.24 -6.50 8.19
N ILE A 250 18.03 -5.34 7.60
CA ILE A 250 17.01 -4.39 8.05
C ILE A 250 15.62 -4.83 7.61
N ASP A 251 15.51 -5.35 6.38
CA ASP A 251 14.29 -5.87 5.80
C ASP A 251 14.67 -7.10 4.99
N HIS A 252 13.84 -8.15 4.99
CA HIS A 252 14.31 -9.47 4.52
C HIS A 252 14.00 -9.80 3.06
N SER A 253 12.73 -9.95 2.71
CA SER A 253 12.35 -10.47 1.38
C SER A 253 11.10 -9.76 0.91
N PRO A 254 11.02 -9.46 -0.40
CA PRO A 254 11.96 -9.77 -1.49
C PRO A 254 12.94 -8.65 -1.79
N VAL A 255 12.95 -7.61 -0.97
CA VAL A 255 13.92 -6.53 -1.12
C VAL A 255 14.73 -6.51 0.16
N ALA A 256 15.90 -7.13 0.11
CA ALA A 256 16.78 -7.22 1.28
C ALA A 256 17.52 -5.90 1.44
N ALA A 257 17.27 -5.25 2.55
CA ALA A 257 17.89 -3.97 2.86
C ALA A 257 19.04 -4.30 3.82
N ILE A 258 20.27 -4.14 3.34
CA ILE A 258 21.46 -4.68 3.99
C ILE A 258 22.34 -3.53 4.45
N LEU A 259 22.68 -3.54 5.73
CA LEU A 259 23.59 -2.57 6.32
C LEU A 259 24.86 -3.31 6.72
N PRO A 260 25.90 -3.29 5.88
CA PRO A 260 27.15 -3.95 6.28
C PRO A 260 27.71 -3.31 7.53
N LYS A 261 28.33 -4.12 8.37
CA LYS A 261 29.08 -3.58 9.49
C LYS A 261 30.23 -2.73 8.96
N GLU A 262 30.80 -1.93 9.83
CA GLU A 262 31.90 -1.05 9.44
C GLU A 262 33.04 -1.85 8.83
N GLY A 263 33.52 -1.40 7.67
CA GLY A 263 34.58 -2.08 6.96
C GLY A 263 34.17 -3.24 6.09
N LYS A 264 32.91 -3.68 6.15
CA LYS A 264 32.50 -4.88 5.44
C LYS A 264 31.72 -4.59 4.17
N PHE A 265 31.61 -3.33 3.74
CA PHE A 265 30.84 -3.05 2.55
C PHE A 265 31.35 -3.83 1.35
N ASP A 266 32.65 -3.74 1.05
CA ASP A 266 33.17 -4.44 -0.11
C ASP A 266 33.03 -5.95 0.05
N GLU A 267 33.26 -6.45 1.25
CA GLU A 267 33.12 -7.88 1.49
C GLU A 267 31.71 -8.33 1.17
N VAL A 268 30.72 -7.62 1.69
CA VAL A 268 29.32 -7.99 1.51
C VAL A 268 28.91 -7.82 0.06
N TYR A 269 29.25 -6.68 -0.54
CA TYR A 269 28.88 -6.46 -1.92
C TYR A 269 29.53 -7.47 -2.84
N ASP A 270 30.84 -7.73 -2.68
CA ASP A 270 31.54 -8.62 -3.60
C ASP A 270 31.08 -10.07 -3.45
N ALA A 271 30.69 -10.46 -2.24
CA ALA A 271 30.19 -11.82 -2.01
C ALA A 271 28.79 -12.00 -2.59
N LEU A 272 27.98 -10.95 -2.60
CA LEU A 272 26.57 -11.09 -2.97
C LEU A 272 26.28 -10.68 -4.41
N ALA A 273 26.99 -9.70 -4.95
CA ALA A 273 26.68 -9.25 -6.31
C ALA A 273 27.04 -10.34 -7.31
N GLY A 274 26.06 -10.72 -8.13
CA GLY A 274 26.27 -11.78 -9.11
C GLY A 274 26.34 -13.17 -8.54
N ALA A 275 26.02 -13.34 -7.26
CA ALA A 275 26.15 -14.64 -6.62
C ALA A 275 24.99 -15.57 -6.96
N HIS A 276 23.79 -15.01 -7.16
CA HIS A 276 22.62 -15.78 -7.52
C HIS A 276 21.94 -15.09 -8.69
N PRO A 277 21.54 -15.83 -9.74
CA PRO A 277 20.99 -15.18 -10.94
C PRO A 277 19.71 -14.40 -10.68
N ASN A 278 18.97 -14.73 -9.62
CA ASN A 278 17.68 -14.10 -9.36
C ASN A 278 17.74 -13.12 -8.21
N LEU A 279 18.93 -12.70 -7.81
CA LEU A 279 19.11 -11.67 -6.80
C LEU A 279 19.97 -10.58 -7.40
N THR A 280 19.40 -9.40 -7.64
CA THR A 280 20.14 -8.29 -8.21
C THR A 280 20.55 -7.36 -7.08
N VAL A 281 21.86 -7.21 -6.90
CA VAL A 281 22.41 -6.46 -5.79
C VAL A 281 22.77 -5.05 -6.27
N TYR A 282 22.20 -4.04 -5.63
CA TYR A 282 22.47 -2.65 -5.97
C TYR A 282 23.17 -1.94 -4.81
N LYS A 283 24.24 -1.22 -5.11
CA LYS A 283 24.63 -0.15 -4.20
C LYS A 283 23.56 0.93 -4.21
N LYS A 284 23.35 1.57 -3.07
CA LYS A 284 22.31 2.59 -2.97
CA LYS A 284 22.31 2.59 -2.97
C LYS A 284 22.31 3.54 -4.15
N GLU A 285 23.46 4.11 -4.49
CA GLU A 285 23.40 5.14 -5.52
C GLU A 285 23.23 4.57 -6.93
N GLU A 286 23.24 3.23 -7.10
CA GLU A 286 22.97 2.64 -8.41
CA GLU A 286 22.98 2.62 -8.40
C GLU A 286 21.56 2.06 -8.50
N ILE A 287 20.72 2.28 -7.48
CA ILE A 287 19.35 1.76 -7.56
C ILE A 287 18.64 2.40 -8.75
N PRO A 288 17.88 1.65 -9.54
CA PRO A 288 17.18 2.22 -10.70
C PRO A 288 16.37 3.47 -10.38
N GLU A 289 16.58 4.51 -11.21
CA GLU A 289 15.86 5.78 -11.05
C GLU A 289 14.35 5.58 -11.12
N ARG A 290 13.89 4.63 -11.95
CA ARG A 290 12.46 4.50 -12.18
C ARG A 290 11.71 4.09 -10.92
N TRP A 291 12.41 3.54 -9.92
CA TRP A 291 11.78 3.18 -8.65
C TRP A 291 11.66 4.36 -7.68
N HIS A 292 12.36 5.47 -7.93
CA HIS A 292 12.25 6.66 -7.09
C HIS A 292 12.39 6.28 -5.62
N TYR A 293 13.46 5.56 -5.36
CA TYR A 293 13.62 4.93 -4.07
C TYR A 293 14.86 5.38 -3.33
N LYS A 294 15.88 5.86 -4.02
CA LYS A 294 17.24 5.95 -3.49
C LYS A 294 17.56 7.23 -2.73
N HIS A 295 16.83 8.33 -2.95
CA HIS A 295 17.22 9.62 -2.38
C HIS A 295 16.63 9.81 -0.99
N ASN A 296 17.04 8.94 -0.07
CA ASN A 296 16.54 8.98 1.29
C ASN A 296 17.51 8.22 2.18
N ASP A 297 17.83 8.78 3.35
CA ASP A 297 18.79 8.13 4.23
C ASP A 297 18.26 6.84 4.85
N ARG A 298 16.97 6.54 4.69
CA ARG A 298 16.43 5.25 5.12
C ARG A 298 16.59 4.15 4.07
N VAL A 299 17.15 4.47 2.91
CA VAL A 299 17.54 3.45 1.95
C VAL A 299 18.94 2.98 2.34
N GLN A 300 19.07 1.68 2.60
CA GLN A 300 20.31 1.15 3.14
C GLN A 300 21.42 1.12 2.08
N PRO A 301 22.67 0.95 2.51
CA PRO A 301 23.79 1.05 1.55
C PRO A 301 23.76 0.00 0.45
N ILE A 302 23.19 -1.17 0.74
CA ILE A 302 23.04 -2.24 -0.25
C ILE A 302 21.58 -2.65 -0.23
N VAL A 303 21.00 -2.76 -1.40
CA VAL A 303 19.62 -3.21 -1.55
C VAL A 303 19.64 -4.32 -2.60
N ALA A 304 19.22 -5.52 -2.19
CA ALA A 304 19.29 -6.70 -3.04
C ALA A 304 17.87 -7.14 -3.33
N VAL A 305 17.50 -7.16 -4.61
CA VAL A 305 16.13 -7.33 -5.05
C VAL A 305 15.98 -8.71 -5.69
N ALA A 306 15.09 -9.53 -5.14
CA ALA A 306 14.80 -10.83 -5.73
C ALA A 306 13.85 -10.67 -6.90
N ASP A 307 14.06 -11.49 -7.93
CA ASP A 307 13.14 -11.55 -9.05
C ASP A 307 11.79 -12.11 -8.60
N GLU A 308 10.77 -11.79 -9.40
CA GLU A 308 9.40 -12.22 -9.14
C GLU A 308 9.33 -13.71 -8.76
N GLY A 309 8.69 -13.99 -7.62
CA GLY A 309 8.45 -15.34 -7.18
C GLY A 309 9.61 -16.01 -6.47
N TRP A 310 10.70 -15.29 -6.25
CA TRP A 310 11.84 -15.76 -5.49
C TRP A 310 11.81 -15.21 -4.07
N TYR A 311 12.29 -16.01 -3.12
CA TYR A 311 12.28 -15.68 -1.71
C TYR A 311 13.70 -15.55 -1.20
N ILE A 312 13.96 -14.52 -0.39
CA ILE A 312 15.24 -14.36 0.27
C ILE A 312 15.10 -14.82 1.71
N LEU A 313 15.92 -15.81 2.07
CA LEU A 313 15.98 -16.33 3.43
C LEU A 313 17.38 -16.04 3.97
N GLN A 314 17.45 -15.50 5.17
CA GLN A 314 18.77 -15.24 5.71
C GLN A 314 19.45 -16.56 6.05
N ASN A 315 18.70 -17.48 6.65
CA ASN A 315 19.20 -18.83 6.81
C ASN A 315 18.02 -19.79 6.71
N LYS A 316 18.31 -21.08 6.92
CA LYS A 316 17.37 -22.15 6.62
C LYS A 316 16.05 -22.00 7.36
N SER A 317 16.04 -21.32 8.50
CA SER A 317 14.85 -21.24 9.33
C SER A 317 14.17 -19.87 9.25
N ASP A 318 14.57 -19.03 8.31
CA ASP A 318 13.89 -17.77 8.11
C ASP A 318 12.48 -18.04 7.58
N ASP A 319 11.65 -17.00 7.64
CA ASP A 319 10.25 -17.15 7.26
C ASP A 319 10.10 -17.43 5.77
N PHE A 320 9.13 -18.28 5.43
CA PHE A 320 8.75 -18.51 4.06
C PHE A 320 7.24 -18.51 3.94
N LEU A 321 6.72 -17.84 2.91
CA LEU A 321 5.30 -17.77 2.63
C LEU A 321 5.06 -18.12 1.17
N LEU A 322 3.92 -18.77 0.89
CA LEU A 322 3.61 -19.20 -0.47
C LEU A 322 3.18 -18.04 -1.35
N GLY A 323 2.75 -16.93 -0.78
CA GLY A 323 2.52 -15.71 -1.53
C GLY A 323 3.34 -14.57 -0.96
N ASN A 324 3.86 -13.73 -1.84
CA ASN A 324 4.46 -12.50 -1.34
C ASN A 324 4.43 -11.39 -2.38
N HIS A 325 4.84 -10.22 -1.93
CA HIS A 325 4.85 -9.00 -2.71
C HIS A 325 5.99 -8.15 -2.18
N GLY A 326 6.21 -7.00 -2.80
CA GLY A 326 7.37 -6.18 -2.56
C GLY A 326 8.27 -6.04 -3.75
N TYR A 327 8.06 -6.88 -4.76
CA TYR A 327 8.83 -6.91 -5.99
C TYR A 327 8.66 -5.63 -6.82
N ASP A 328 9.53 -5.51 -7.82
CA ASP A 328 9.47 -4.49 -8.86
C ASP A 328 8.03 -4.05 -9.17
N ASN A 329 7.76 -2.73 -9.06
CA ASN A 329 6.41 -2.24 -9.31
C ASN A 329 6.03 -2.23 -10.79
N ALA A 330 6.96 -2.54 -11.69
CA ALA A 330 6.58 -2.70 -13.09
C ALA A 330 5.85 -4.03 -13.34
N LEU A 331 5.94 -4.95 -12.40
CA LEU A 331 5.36 -6.27 -12.61
C LEU A 331 3.85 -6.23 -12.45
N ALA A 332 3.15 -6.83 -13.42
CA ALA A 332 1.69 -6.83 -13.38
C ALA A 332 1.14 -7.45 -12.10
N GLU A 333 1.79 -8.52 -11.61
CA GLU A 333 1.25 -9.21 -10.44
C GLU A 333 1.32 -8.33 -9.19
N MET A 334 2.15 -7.28 -9.19
CA MET A 334 2.21 -6.36 -8.05
C MET A 334 1.15 -5.27 -8.11
N HIS A 335 0.35 -5.21 -9.21
CA HIS A 335 -0.55 -4.07 -9.37
C HIS A 335 -1.90 -4.32 -8.69
N PRO A 336 -2.43 -3.30 -8.02
CA PRO A 336 -3.71 -3.41 -7.32
C PRO A 336 -4.90 -3.10 -8.20
N ILE A 337 -6.07 -3.55 -7.74
CA ILE A 337 -7.34 -3.11 -8.31
C ILE A 337 -7.53 -1.62 -8.10
N PHE A 338 -8.32 -1.01 -8.98
CA PHE A 338 -8.86 0.33 -8.76
C PHE A 338 -10.22 0.45 -9.43
N LEU A 339 -11.24 0.80 -8.66
CA LEU A 339 -12.55 1.07 -9.20
C LEU A 339 -13.24 2.10 -8.31
N ALA A 340 -14.26 2.76 -8.85
CA ALA A 340 -14.91 3.80 -8.05
C ALA A 340 -16.32 4.06 -8.55
N HIS A 341 -17.13 4.62 -7.65
CA HIS A 341 -18.51 4.95 -7.93
C HIS A 341 -18.87 6.21 -7.16
N GLY A 342 -19.58 7.14 -7.82
CA GLY A 342 -20.14 8.24 -7.09
C GLY A 342 -20.55 9.36 -8.01
N PRO A 343 -21.08 10.43 -7.42
CA PRO A 343 -21.61 11.52 -8.25
C PRO A 343 -20.56 12.21 -9.09
N ALA A 344 -19.29 12.19 -8.67
CA ALA A 344 -18.22 12.80 -9.43
C ALA A 344 -17.63 11.88 -10.51
N PHE A 345 -18.01 10.61 -10.53
CA PHE A 345 -17.38 9.63 -11.41
C PHE A 345 -18.29 9.25 -12.58
N ARG A 346 -17.66 8.96 -13.71
CA ARG A 346 -18.40 8.43 -14.86
C ARG A 346 -19.02 7.08 -14.52
N LYS A 347 -19.88 6.62 -15.41
CA LYS A 347 -20.60 5.36 -15.23
C LYS A 347 -20.27 4.40 -16.36
N ASN A 348 -19.98 3.15 -16.01
CA ASN A 348 -19.66 2.08 -16.96
C ASN A 348 -18.45 2.42 -17.84
N PHE A 349 -17.41 2.98 -17.22
CA PHE A 349 -16.23 3.48 -17.93
C PHE A 349 -15.00 2.70 -17.50
N THR A 350 -14.20 2.30 -18.48
CA THR A 350 -12.96 1.59 -18.23
C THR A 350 -11.80 2.35 -18.84
N LYS A 351 -10.77 2.55 -18.04
CA LYS A 351 -9.54 3.23 -18.41
C LYS A 351 -8.38 2.23 -18.31
N GLU A 352 -7.41 2.35 -19.21
CA GLU A 352 -6.36 1.32 -19.23
C GLU A 352 -5.41 1.44 -18.04
N ALA A 353 -4.92 2.65 -17.71
CA ALA A 353 -3.80 2.76 -16.78
C ALA A 353 -3.83 4.05 -15.95
N MET A 354 -3.19 3.97 -14.79
CA MET A 354 -2.96 5.13 -13.96
C MET A 354 -1.77 4.84 -13.08
N ASN A 355 -1.19 5.90 -12.51
CA ASN A 355 -0.20 5.77 -11.45
C ASN A 355 -0.87 5.99 -10.11
N SER A 356 -0.49 5.19 -9.11
CA SER A 356 -1.14 5.36 -7.82
C SER A 356 -0.78 6.68 -7.16
N THR A 357 0.33 7.31 -7.58
CA THR A 357 0.67 8.66 -7.16
C THR A 357 -0.35 9.69 -7.63
N ASP A 358 -1.21 9.35 -8.60
CA ASP A 358 -2.23 10.28 -9.07
C ASP A 358 -3.43 10.37 -8.14
N LEU A 359 -3.63 9.39 -7.25
CA LEU A 359 -4.86 9.39 -6.47
C LEU A 359 -4.95 10.63 -5.58
N TYR A 360 -3.83 11.03 -4.97
CA TYR A 360 -3.81 12.21 -4.12
C TYR A 360 -4.31 13.44 -4.87
N SER A 361 -3.87 13.64 -6.11
CA SER A 361 -4.31 14.81 -6.85
CA SER A 361 -4.32 14.79 -6.88
C SER A 361 -5.81 14.73 -7.14
N LEU A 362 -6.31 13.53 -7.40
CA LEU A 362 -7.74 13.33 -7.61
C LEU A 362 -8.52 13.65 -6.34
N LEU A 363 -8.04 13.13 -5.19
CA LEU A 363 -8.70 13.41 -3.91
C LEU A 363 -8.74 14.90 -3.62
N CYS A 364 -7.60 15.58 -3.78
CA CYS A 364 -7.57 17.01 -3.52
C CYS A 364 -8.53 17.77 -4.44
N HIS A 365 -8.63 17.33 -5.70
CA HIS A 365 -9.59 17.95 -6.61
C HIS A 365 -11.01 17.73 -6.13
N LEU A 366 -11.38 16.49 -5.80
CA LEU A 366 -12.74 16.21 -5.37
C LEU A 366 -13.10 17.01 -4.14
N LEU A 367 -12.17 17.15 -3.21
CA LEU A 367 -12.44 17.79 -1.93
C LEU A 367 -12.16 19.29 -1.96
N ASN A 368 -11.78 19.85 -3.11
CA ASN A 368 -11.48 21.27 -3.22
C ASN A 368 -10.41 21.68 -2.21
N LEU A 369 -9.33 20.90 -2.17
CA LEU A 369 -8.16 21.17 -1.36
C LEU A 369 -7.00 21.60 -2.23
N THR A 370 -6.15 22.45 -1.67
CA THR A 370 -4.89 22.80 -2.31
C THR A 370 -3.87 21.70 -2.03
N ALA A 371 -3.51 20.97 -3.07
CA ALA A 371 -2.56 19.87 -2.93
C ALA A 371 -1.18 20.39 -2.54
N LEU A 372 -0.52 19.67 -1.64
CA LEU A 372 0.89 19.92 -1.39
C LEU A 372 1.73 19.35 -2.53
N PRO A 373 3.00 19.74 -2.62
CA PRO A 373 3.83 19.25 -3.73
C PRO A 373 3.82 17.73 -3.79
N HIS A 374 3.64 17.19 -4.99
CA HIS A 374 3.43 15.77 -5.16
C HIS A 374 3.99 15.33 -6.50
N ASN A 375 3.91 14.01 -6.76
CA ASN A 375 4.52 13.40 -7.94
C ASN A 375 3.52 12.94 -8.98
N GLY A 376 2.22 13.04 -8.72
CA GLY A 376 1.21 12.61 -9.65
C GLY A 376 0.70 13.78 -10.47
N SER A 377 -0.35 13.53 -11.24
CA SER A 377 -0.93 14.58 -12.06
C SER A 377 -2.43 14.37 -12.15
N PHE A 378 -3.17 15.41 -11.76
CA PHE A 378 -4.61 15.37 -11.96
C PHE A 378 -4.95 15.16 -13.43
N TRP A 379 -4.15 15.75 -14.33
CA TRP A 379 -4.50 15.66 -15.74
C TRP A 379 -4.48 14.22 -16.23
N ASN A 380 -3.70 13.35 -15.57
CA ASN A 380 -3.68 11.93 -15.93
C ASN A 380 -4.99 11.22 -15.62
N VAL A 381 -5.77 11.70 -14.64
CA VAL A 381 -6.94 10.97 -14.19
C VAL A 381 -8.23 11.77 -14.36
N GLN A 382 -8.16 12.95 -14.98
CA GLN A 382 -9.37 13.76 -15.15
C GLN A 382 -10.44 13.03 -15.96
N ASP A 383 -10.06 12.09 -16.84
CA ASP A 383 -11.07 11.40 -17.64
C ASP A 383 -11.90 10.40 -16.84
N LEU A 384 -11.58 10.14 -15.57
CA LEU A 384 -12.47 9.35 -14.74
C LEU A 384 -13.71 10.10 -14.30
N LEU A 385 -13.71 11.43 -14.41
CA LEU A 385 -14.72 12.27 -13.78
C LEU A 385 -15.86 12.59 -14.74
N SER A 386 -17.06 12.64 -14.21
CA SER A 386 -18.26 12.98 -14.99
C SER A 386 -18.25 14.45 -15.40
#